data_6QKW
#
_entry.id   6QKW
#
_cell.length_a   41.750
_cell.length_b   79.370
_cell.length_c   85.010
_cell.angle_alpha   90.00
_cell.angle_beta   103.01
_cell.angle_gamma   90.00
#
_symmetry.space_group_name_H-M   'P 1 21 1'
#
loop_
_entity.id
_entity.type
_entity.pdbx_description
1 polymer 'Fluoroacetate dehalogenase'
2 non-polymer 'CHLORIDE ION'
3 non-polymer 'fluoroacetic acid'
4 non-polymer 'GLYCOLIC ACID'
5 water water
#
_entity_poly.entity_id   1
_entity_poly.type   'polypeptide(L)'
_entity_poly.pdbx_seq_one_letter_code
;GHMPDLADLFPGFGSEWINTSSGRIFARVGGDGPPLLLLHGFPQTHVMWHRVAPKLAERFKVIVADLPGYGWSDMPESDE
QHTPYTKRAMAKQLIEAMEQLGHVHFALAGHDRGARVSYRLALDSPGRLSKLAVLDILPTYEYWQRMNRAYALKIYHWSF
LAQPAPLPENLLGGDPDFYVKAKLASWTRAGDLSAFDPRAVEHYRIAFADPMRRHVMCEDFRAGAYADFEHDKIDVEAGN
KIPVPMLALWGASGIAQSAATPLDVWRKWASDVQGAPIESGHFLPEEAPDQTAEALVRFFSAAPGS
;
_entity_poly.pdbx_strand_id   A,B
#
loop_
_chem_comp.id
_chem_comp.type
_chem_comp.name
_chem_comp.formula
CL non-polymer 'CHLORIDE ION' 'Cl -1'
FAH non-polymer 'fluoroacetic acid' 'C2 H3 F O2'
GOA non-polymer 'GLYCOLIC ACID' 'C2 H4 O3'
#
# COMPACT_ATOMS: atom_id res chain seq x y z
N ASP A 5 15.09 -23.63 19.90
CA ASP A 5 15.75 -24.39 18.83
C ASP A 5 15.70 -23.68 17.48
N LEU A 6 16.86 -23.61 16.81
CA LEU A 6 16.93 -23.34 15.39
C LEU A 6 17.77 -24.42 14.75
N ALA A 7 17.24 -25.02 13.68
CA ALA A 7 17.92 -26.15 13.08
C ALA A 7 19.14 -25.71 12.27
N ASP A 8 20.10 -26.64 12.16
CA ASP A 8 21.23 -26.49 11.25
C ASP A 8 20.82 -27.11 9.92
N LEU A 9 20.49 -26.27 8.93
CA LEU A 9 20.01 -26.73 7.63
C LEU A 9 21.12 -26.82 6.58
N PHE A 10 22.37 -26.63 6.99
CA PHE A 10 23.51 -26.81 6.11
C PHE A 10 24.49 -27.73 6.82
N PRO A 11 24.06 -28.94 7.19
CA PRO A 11 24.95 -29.78 7.99
C PRO A 11 26.24 -30.01 7.21
N GLY A 12 27.37 -29.81 7.88
CA GLY A 12 28.68 -29.84 7.22
C GLY A 12 29.27 -28.49 6.85
N PHE A 13 28.45 -27.46 6.67
CA PHE A 13 28.95 -26.12 6.34
C PHE A 13 29.49 -25.45 7.58
N GLY A 14 30.57 -24.71 7.41
CA GLY A 14 31.06 -23.84 8.46
C GLY A 14 30.23 -22.58 8.61
N SER A 15 30.75 -21.68 9.43
CA SER A 15 30.12 -20.38 9.66
C SER A 15 31.21 -19.33 9.67
N GLU A 16 30.86 -18.13 9.25
CA GLU A 16 31.73 -16.97 9.42
C GLU A 16 30.89 -15.84 9.98
N TRP A 17 31.51 -15.02 10.80
CA TRP A 17 30.93 -13.77 11.21
C TRP A 17 31.92 -12.68 10.82
N ILE A 18 31.63 -12.02 9.70
CA ILE A 18 32.60 -11.27 8.91
C ILE A 18 32.48 -9.79 9.23
N ASN A 19 33.55 -9.20 9.75
CA ASN A 19 33.51 -7.77 10.04
C ASN A 19 33.56 -6.95 8.76
N THR A 20 32.76 -5.88 8.74
CA THR A 20 32.86 -4.84 7.73
C THR A 20 32.70 -3.49 8.43
N SER A 21 33.03 -2.43 7.71
CA SER A 21 32.82 -1.09 8.25
C SER A 21 31.36 -0.80 8.64
N SER A 22 30.40 -1.51 8.05
CA SER A 22 28.98 -1.31 8.32
C SER A 22 28.38 -2.32 9.29
N GLY A 23 29.15 -3.26 9.81
CA GLY A 23 28.64 -4.28 10.70
C GLY A 23 28.95 -5.68 10.18
N ARG A 24 28.76 -6.64 11.06
CA ARG A 24 29.11 -8.02 10.73
C ARG A 24 28.08 -8.66 9.80
N ILE A 25 28.58 -9.48 8.88
CA ILE A 25 27.76 -10.29 7.99
C ILE A 25 27.89 -11.73 8.45
N PHE A 26 26.76 -12.37 8.76
CA PHE A 26 26.78 -13.79 9.05
C PHE A 26 26.66 -14.60 7.77
N ALA A 27 27.45 -15.68 7.67
CA ALA A 27 27.33 -16.57 6.52
C ALA A 27 27.59 -18.01 6.92
N ARG A 28 26.93 -18.92 6.21
CA ARG A 28 27.36 -20.31 6.17
C ARG A 28 28.27 -20.51 4.95
N VAL A 29 29.30 -21.34 5.10
CA VAL A 29 30.34 -21.47 4.10
C VAL A 29 30.62 -22.96 3.91
N GLY A 30 30.56 -23.39 2.65
CA GLY A 30 30.77 -24.80 2.37
C GLY A 30 31.41 -25.03 1.02
N GLY A 31 31.73 -26.30 0.74
CA GLY A 31 32.21 -26.64 -0.59
C GLY A 31 33.66 -26.23 -0.85
N ASP A 32 34.00 -26.22 -2.14
CA ASP A 32 35.33 -25.83 -2.60
C ASP A 32 35.25 -25.57 -4.10
N GLY A 33 36.18 -24.77 -4.59
CA GLY A 33 36.16 -24.36 -5.98
C GLY A 33 35.98 -22.87 -6.13
N PRO A 34 35.50 -22.42 -7.30
CA PRO A 34 35.27 -20.98 -7.53
C PRO A 34 34.27 -20.43 -6.53
N PRO A 35 34.46 -19.18 -6.10
CA PRO A 35 33.60 -18.62 -5.04
C PRO A 35 32.25 -18.15 -5.57
N LEU A 36 31.20 -18.49 -4.81
CA LEU A 36 29.83 -18.19 -5.20
C LEU A 36 29.08 -17.69 -3.97
N LEU A 37 28.62 -16.43 -4.05
CA LEU A 37 27.86 -15.80 -2.98
C LEU A 37 26.36 -15.92 -3.28
N LEU A 38 25.59 -16.33 -2.28
CA LEU A 38 24.14 -16.47 -2.38
C LEU A 38 23.47 -15.49 -1.42
N LEU A 39 22.57 -14.66 -1.95
CA LEU A 39 21.88 -13.63 -1.17
C LEU A 39 20.36 -13.82 -1.21
N HIS A 40 19.77 -13.98 -0.03
CA HIS A 40 18.33 -14.14 0.17
C HIS A 40 17.60 -12.81 0.07
N GLY A 41 16.28 -12.86 0.26
CA GLY A 41 15.44 -11.69 0.32
C GLY A 41 14.42 -11.71 1.44
N PHE A 42 13.30 -11.04 1.24
CA PHE A 42 12.27 -10.77 2.23
C PHE A 42 11.10 -11.73 2.11
N PRO A 43 10.54 -12.25 3.21
CA PRO A 43 10.91 -12.07 4.61
C PRO A 43 11.72 -13.31 5.04
N GLN A 44 12.88 -13.51 4.44
CA GLN A 44 13.64 -14.74 4.67
C GLN A 44 15.02 -14.41 5.23
N THR A 45 15.85 -15.44 5.34
CA THR A 45 17.24 -15.34 5.75
C THR A 45 18.05 -16.28 4.87
N HIS A 46 19.35 -16.38 5.15
CA HIS A 46 20.23 -17.25 4.34
C HIS A 46 19.73 -18.69 4.25
N VAL A 47 18.92 -19.14 5.21
CA VAL A 47 18.48 -20.54 5.15
C VAL A 47 17.62 -20.86 3.95
N MET A 48 17.08 -19.86 3.21
CA MET A 48 16.26 -20.20 2.04
C MET A 48 17.04 -20.96 0.97
N TRP A 49 18.37 -20.96 1.04
CA TRP A 49 19.18 -21.67 0.06
C TRP A 49 19.45 -23.11 0.48
N HIS A 50 18.84 -23.60 1.56
CA HIS A 50 19.30 -24.88 2.13
C HIS A 50 19.00 -26.08 1.24
N ARG A 51 18.08 -25.97 0.30
CA ARG A 51 17.84 -27.11 -0.57
C ARG A 51 18.69 -27.09 -1.83
N VAL A 52 19.32 -25.97 -2.17
CA VAL A 52 20.17 -25.93 -3.34
C VAL A 52 21.65 -25.81 -2.98
N ALA A 53 21.99 -25.32 -1.79
CA ALA A 53 23.38 -25.07 -1.45
C ALA A 53 24.20 -26.35 -1.44
N PRO A 54 23.76 -27.47 -0.87
CA PRO A 54 24.63 -28.66 -0.90
C PRO A 54 25.01 -29.07 -2.30
N LYS A 55 24.07 -28.97 -3.25
CA LYS A 55 24.36 -29.31 -4.63
C LYS A 55 25.37 -28.35 -5.23
N LEU A 56 25.18 -27.04 -5.02
CA LEU A 56 26.17 -26.06 -5.48
C LEU A 56 27.55 -26.30 -4.85
N ALA A 57 27.57 -26.77 -3.60
CA ALA A 57 28.84 -26.95 -2.90
C ALA A 57 29.64 -28.11 -3.47
N GLU A 58 29.01 -28.96 -4.29
CA GLU A 58 29.79 -29.99 -4.99
C GLU A 58 30.74 -29.37 -6.02
N ARG A 59 30.47 -28.14 -6.46
CA ARG A 59 31.22 -27.53 -7.54
C ARG A 59 31.84 -26.19 -7.20
N PHE A 60 31.37 -25.51 -6.15
CA PHE A 60 31.78 -24.15 -5.82
C PHE A 60 32.06 -24.03 -4.34
N LYS A 61 32.88 -23.03 -4.00
CA LYS A 61 32.96 -22.55 -2.62
C LYS A 61 31.76 -21.64 -2.39
N VAL A 62 30.82 -22.10 -1.58
CA VAL A 62 29.50 -21.46 -1.48
C VAL A 62 29.48 -20.65 -0.19
N ILE A 63 29.16 -19.35 -0.32
CA ILE A 63 29.04 -18.43 0.81
C ILE A 63 27.56 -18.01 0.87
N VAL A 64 26.87 -18.41 1.93
CA VAL A 64 25.43 -18.19 2.06
C VAL A 64 25.22 -17.10 3.12
N ALA A 65 25.00 -15.86 2.70
CA ALA A 65 25.12 -14.73 3.63
C ALA A 65 23.76 -14.14 4.00
N ASP A 66 23.67 -13.71 5.26
CA ASP A 66 22.52 -12.89 5.66
C ASP A 66 22.76 -11.46 5.18
N LEU A 67 21.75 -10.87 4.53
CA LEU A 67 21.86 -9.49 4.09
C LEU A 67 22.14 -8.59 5.30
N PRO A 68 22.78 -7.44 5.07
CA PRO A 68 22.91 -6.43 6.14
C PRO A 68 21.56 -6.21 6.81
N GLY A 69 21.55 -6.32 8.15
CA GLY A 69 20.33 -6.07 8.91
C GLY A 69 19.39 -7.26 9.00
N TYR A 70 19.65 -8.35 8.29
CA TYR A 70 18.79 -9.52 8.31
C TYR A 70 19.45 -10.69 9.03
N GLY A 71 18.60 -11.62 9.49
CA GLY A 71 19.08 -12.87 10.06
C GLY A 71 19.95 -12.65 11.26
N TRP A 72 21.22 -13.03 11.14
CA TRP A 72 22.21 -12.86 12.22
C TRP A 72 23.24 -11.80 11.88
N SER A 73 23.11 -11.14 10.74
CA SER A 73 23.99 -10.01 10.48
C SER A 73 23.63 -8.84 11.41
N ASP A 74 24.61 -7.97 11.63
CA ASP A 74 24.36 -6.78 12.45
C ASP A 74 23.35 -5.86 11.74
N MET A 75 22.69 -5.00 12.55
CA MET A 75 21.71 -4.03 12.08
C MET A 75 22.23 -2.60 12.24
N PRO A 76 22.87 -2.03 11.23
CA PRO A 76 23.26 -0.62 11.30
C PRO A 76 22.05 0.26 11.55
N GLU A 77 22.24 1.32 12.35
CA GLU A 77 21.19 2.33 12.51
C GLU A 77 20.96 2.99 11.15
N SER A 78 19.70 3.16 10.79
CA SER A 78 19.35 3.77 9.52
C SER A 78 19.42 5.29 9.66
N ASP A 79 18.98 5.98 8.61
CA ASP A 79 18.96 7.43 8.59
C ASP A 79 17.80 7.88 7.70
N GLU A 80 17.71 9.18 7.47
CA GLU A 80 16.53 9.73 6.80
C GLU A 80 16.43 9.30 5.34
N GLN A 81 17.55 8.88 4.74
CA GLN A 81 17.55 8.39 3.38
C GLN A 81 17.63 6.87 3.33
N HIS A 82 17.46 6.21 4.48
CA HIS A 82 17.49 4.74 4.55
C HIS A 82 18.83 4.19 4.05
N THR A 83 19.92 4.95 4.20
CA THR A 83 21.14 4.64 3.45
C THR A 83 21.67 3.23 3.67
N PRO A 84 21.83 2.73 4.89
CA PRO A 84 22.45 1.40 5.06
C PRO A 84 21.63 0.28 4.42
N TYR A 85 20.33 0.49 4.20
CA TYR A 85 19.48 -0.54 3.61
C TYR A 85 19.16 -0.28 2.13
N THR A 86 19.79 0.74 1.53
CA THR A 86 19.80 0.83 0.07
C THR A 86 20.64 -0.29 -0.53
N LYS A 87 20.25 -0.71 -1.74
CA LYS A 87 21.01 -1.79 -2.35
C LYS A 87 22.42 -1.36 -2.70
N ARG A 88 22.65 -0.07 -2.98
CA ARG A 88 24.00 0.42 -3.20
C ARG A 88 24.87 0.18 -1.97
N ALA A 89 24.35 0.53 -0.79
CA ALA A 89 25.13 0.39 0.42
C ALA A 89 25.29 -1.07 0.78
N MET A 90 24.22 -1.86 0.62
CA MET A 90 24.33 -3.29 0.94
C MET A 90 25.37 -3.95 0.06
N ALA A 91 25.39 -3.58 -1.23
CA ALA A 91 26.37 -4.16 -2.13
C ALA A 91 27.78 -3.77 -1.72
N LYS A 92 28.00 -2.51 -1.32
CA LYS A 92 29.34 -2.12 -0.85
C LYS A 92 29.76 -2.92 0.37
N GLN A 93 28.83 -3.13 1.31
CA GLN A 93 29.12 -3.89 2.51
C GLN A 93 29.48 -5.33 2.19
N LEU A 94 28.74 -5.95 1.25
CA LEU A 94 29.01 -7.35 0.95
C LEU A 94 30.30 -7.49 0.15
N ILE A 95 30.66 -6.47 -0.66
CA ILE A 95 31.98 -6.44 -1.29
C ILE A 95 33.08 -6.43 -0.23
N GLU A 96 32.91 -5.63 0.83
CA GLU A 96 33.89 -5.63 1.91
C GLU A 96 33.96 -6.99 2.59
N ALA A 97 32.80 -7.60 2.85
CA ALA A 97 32.79 -8.90 3.49
C ALA A 97 33.51 -9.91 2.63
N MET A 98 33.25 -9.91 1.33
CA MET A 98 33.92 -10.89 0.47
C MET A 98 35.42 -10.63 0.45
N GLU A 99 35.85 -9.35 0.50
CA GLU A 99 37.29 -9.08 0.54
C GLU A 99 37.93 -9.64 1.79
N GLN A 100 37.19 -9.69 2.91
CA GLN A 100 37.74 -10.26 4.14
C GLN A 100 38.09 -11.71 3.98
N LEU A 101 37.39 -12.43 3.08
CA LEU A 101 37.66 -13.83 2.78
C LEU A 101 38.65 -13.99 1.63
N GLY A 102 39.16 -12.87 1.09
CA GLY A 102 40.05 -12.90 -0.05
C GLY A 102 39.34 -13.07 -1.37
N HIS A 103 38.07 -12.73 -1.46
CA HIS A 103 37.33 -12.83 -2.73
C HIS A 103 37.09 -11.43 -3.26
N VAL A 104 37.80 -11.09 -4.34
CA VAL A 104 37.66 -9.79 -5.01
C VAL A 104 36.99 -9.93 -6.38
N HIS A 105 36.73 -11.15 -6.83
CA HIS A 105 36.05 -11.40 -8.10
C HIS A 105 35.32 -12.70 -7.86
N PHE A 106 34.01 -12.70 -7.98
CA PHE A 106 33.27 -13.87 -7.56
C PHE A 106 31.98 -13.98 -8.37
N ALA A 107 31.35 -15.15 -8.27
CA ALA A 107 30.02 -15.37 -8.84
C ALA A 107 28.97 -15.02 -7.78
N LEU A 108 27.81 -14.55 -8.24
CA LEU A 108 26.77 -14.07 -7.34
C LEU A 108 25.38 -14.50 -7.81
N ALA A 109 24.56 -15.04 -6.91
CA ALA A 109 23.14 -15.30 -7.18
C ALA A 109 22.34 -14.68 -6.05
N GLY A 110 21.27 -13.98 -6.41
CA GLY A 110 20.41 -13.36 -5.43
C GLY A 110 18.97 -13.66 -5.73
N HIS A 111 18.16 -13.63 -4.68
CA HIS A 111 16.72 -13.80 -4.76
C HIS A 111 16.04 -12.61 -4.08
N ASP A 112 15.02 -12.06 -4.74
CA ASP A 112 14.16 -11.01 -4.12
C ASP A 112 15.08 -9.86 -3.71
N ARG A 113 15.02 -9.36 -2.47
CA ARG A 113 15.89 -8.22 -2.11
C ARG A 113 17.36 -8.47 -2.43
N GLY A 114 17.84 -9.71 -2.19
CA GLY A 114 19.23 -10.05 -2.47
C GLY A 114 19.55 -9.98 -3.93
N ALA A 115 18.57 -10.25 -4.80
CA ALA A 115 18.81 -10.07 -6.22
C ALA A 115 18.91 -8.59 -6.58
N ARG A 116 18.21 -7.73 -5.84
CA ARG A 116 18.33 -6.29 -6.06
C ARG A 116 19.70 -5.79 -5.64
N VAL A 117 20.19 -6.25 -4.47
CA VAL A 117 21.60 -6.01 -4.11
C VAL A 117 22.51 -6.47 -5.25
N SER A 118 22.20 -7.62 -5.84
CA SER A 118 23.13 -8.21 -6.82
C SER A 118 23.19 -7.39 -8.11
N TYR A 119 22.03 -6.98 -8.67
CA TYR A 119 22.14 -6.23 -9.93
C TYR A 119 22.66 -4.84 -9.68
N ARG A 120 22.39 -4.28 -8.49
CA ARG A 120 22.99 -2.98 -8.18
C ARG A 120 24.51 -3.10 -8.05
N LEU A 121 24.97 -4.17 -7.42
CA LEU A 121 26.39 -4.47 -7.36
C LEU A 121 26.98 -4.52 -8.77
N ALA A 122 26.32 -5.22 -9.69
CA ALA A 122 26.83 -5.32 -11.06
C ALA A 122 26.85 -3.97 -11.77
N LEU A 123 25.89 -3.08 -11.47
CA LEU A 123 25.88 -1.75 -12.07
C LEU A 123 26.98 -0.85 -11.51
N ASP A 124 27.21 -0.90 -10.19
CA ASP A 124 28.18 -0.02 -9.55
C ASP A 124 29.60 -0.54 -9.66
N SER A 125 29.79 -1.86 -9.58
N SER A 125 29.80 -1.85 -9.51
CA SER A 125 31.13 -2.47 -9.45
CA SER A 125 31.13 -2.46 -9.48
C SER A 125 31.19 -3.75 -10.28
C SER A 125 31.10 -3.75 -10.28
N PRO A 126 31.01 -3.65 -11.60
CA PRO A 126 30.98 -4.88 -12.43
C PRO A 126 32.23 -5.72 -12.35
N GLY A 127 33.38 -5.09 -12.10
CA GLY A 127 34.59 -5.89 -12.05
C GLY A 127 34.65 -6.87 -10.89
N ARG A 128 33.75 -6.77 -9.93
CA ARG A 128 33.70 -7.71 -8.82
C ARG A 128 33.08 -9.03 -9.21
N LEU A 129 32.38 -9.10 -10.33
CA LEU A 129 31.57 -10.28 -10.63
C LEU A 129 32.03 -10.99 -11.90
N SER A 130 32.20 -12.31 -11.80
CA SER A 130 32.38 -13.13 -13.00
C SER A 130 31.06 -13.32 -13.72
N LYS A 131 30.02 -13.67 -12.97
CA LYS A 131 28.70 -13.96 -13.50
C LYS A 131 27.69 -13.63 -12.42
N LEU A 132 26.48 -13.30 -12.84
CA LEU A 132 25.38 -12.86 -11.97
C LEU A 132 24.11 -13.62 -12.29
N ALA A 133 23.42 -14.13 -11.26
CA ALA A 133 22.06 -14.65 -11.45
C ALA A 133 21.10 -13.89 -10.55
N VAL A 134 19.94 -13.52 -11.12
CA VAL A 134 18.87 -12.87 -10.37
C VAL A 134 17.61 -13.73 -10.43
N LEU A 135 16.99 -13.94 -9.27
CA LEU A 135 15.86 -14.87 -9.14
C LEU A 135 14.59 -14.12 -8.74
N ASP A 136 13.55 -14.30 -9.56
CA ASP A 136 12.22 -13.73 -9.44
C ASP A 136 12.18 -12.24 -9.13
N ILE A 137 12.94 -11.46 -9.91
CA ILE A 137 12.82 -10.00 -9.86
C ILE A 137 12.88 -9.37 -11.25
N LEU A 138 12.33 -8.16 -11.34
CA LEU A 138 12.71 -7.13 -12.30
C LEU A 138 13.41 -6.01 -11.56
N PRO A 139 14.12 -5.12 -12.26
CA PRO A 139 14.71 -3.98 -11.55
C PRO A 139 13.65 -3.18 -10.81
N THR A 140 14.04 -2.62 -9.66
CA THR A 140 13.12 -1.80 -8.88
C THR A 140 12.51 -0.67 -9.71
N TYR A 141 13.29 -0.05 -10.61
CA TYR A 141 12.72 1.00 -11.47
C TYR A 141 11.56 0.45 -12.28
N GLU A 142 11.69 -0.80 -12.76
CA GLU A 142 10.64 -1.37 -13.60
C GLU A 142 9.37 -1.66 -12.82
N TYR A 143 9.48 -2.15 -11.58
N TYR A 143 9.49 -2.16 -11.59
CA TYR A 143 8.28 -2.33 -10.78
CA TYR A 143 8.30 -2.33 -10.75
C TYR A 143 7.54 -1.01 -10.59
C TYR A 143 7.54 -1.02 -10.62
N TRP A 144 8.26 0.07 -10.33
CA TRP A 144 7.58 1.33 -10.08
C TRP A 144 7.05 1.94 -11.38
N GLN A 145 7.81 1.84 -12.47
CA GLN A 145 7.34 2.41 -13.72
C GLN A 145 6.05 1.78 -14.21
N ARG A 146 5.86 0.51 -13.91
N ARG A 146 5.84 0.51 -13.94
CA ARG A 146 4.69 -0.26 -14.29
CA ARG A 146 4.60 -0.14 -14.40
C ARG A 146 3.47 0.11 -13.46
C ARG A 146 3.48 0.03 -13.41
N MET A 147 3.68 0.81 -12.35
CA MET A 147 2.66 1.00 -11.34
C MET A 147 1.37 1.54 -11.95
N ASN A 148 0.28 0.89 -11.58
CA ASN A 148 -1.06 1.27 -11.99
C ASN A 148 -2.02 0.58 -11.01
N ARG A 149 -3.33 0.74 -11.25
CA ARG A 149 -4.30 0.14 -10.33
C ARG A 149 -4.06 -1.36 -10.11
N ALA A 150 -3.91 -2.14 -11.20
CA ALA A 150 -3.80 -3.58 -11.01
C ALA A 150 -2.54 -3.96 -10.26
N TYR A 151 -1.43 -3.27 -10.57
N TYR A 151 -1.43 -3.28 -10.54
CA TYR A 151 -0.16 -3.54 -9.90
CA TYR A 151 -0.19 -3.59 -9.85
C TYR A 151 -0.21 -3.10 -8.45
C TYR A 151 -0.23 -3.12 -8.41
N ALA A 152 -0.83 -1.95 -8.18
CA ALA A 152 -0.93 -1.42 -6.82
C ALA A 152 -1.70 -2.39 -5.94
N LEU A 153 -2.74 -3.02 -6.50
CA LEU A 153 -3.51 -4.01 -5.75
C LEU A 153 -2.76 -5.33 -5.63
N LYS A 154 -2.02 -5.72 -6.66
CA LYS A 154 -1.39 -7.03 -6.64
C LYS A 154 -0.18 -7.06 -5.70
N ILE A 155 0.65 -6.01 -5.71
CA ILE A 155 1.90 -5.98 -4.94
C ILE A 155 1.89 -4.77 -3.99
N TYR A 156 0.87 -4.75 -3.12
CA TYR A 156 0.62 -3.63 -2.24
C TYR A 156 1.74 -3.40 -1.22
N HIS A 157 2.55 -4.44 -0.91
CA HIS A 157 3.43 -4.30 0.23
C HIS A 157 4.60 -3.37 -0.09
N TRP A 158 4.90 -3.12 -1.37
CA TRP A 158 5.96 -2.15 -1.66
C TRP A 158 5.62 -0.75 -1.15
N SER A 159 4.36 -0.34 -1.29
CA SER A 159 3.94 0.97 -0.85
C SER A 159 3.55 0.99 0.62
N PHE A 160 3.02 -0.12 1.11
CA PHE A 160 2.68 -0.22 2.52
C PHE A 160 3.93 -0.17 3.41
N LEU A 161 4.92 -1.03 3.11
CA LEU A 161 6.09 -1.12 3.98
C LEU A 161 6.99 0.10 3.83
N ALA A 162 6.78 0.89 2.77
CA ALA A 162 7.54 2.12 2.59
C ALA A 162 6.89 3.34 3.24
N GLN A 163 5.76 3.18 3.93
CA GLN A 163 5.15 4.33 4.60
C GLN A 163 6.06 4.83 5.73
N PRO A 164 6.00 6.11 6.07
CA PRO A 164 6.92 6.61 7.10
C PRO A 164 6.73 5.88 8.42
N ALA A 165 7.86 5.61 9.07
CA ALA A 165 7.86 5.04 10.39
C ALA A 165 7.12 5.98 11.34
N PRO A 166 6.43 5.41 12.34
CA PRO A 166 6.39 3.99 12.69
C PRO A 166 5.14 3.26 12.22
N LEU A 167 4.48 3.72 11.16
CA LEU A 167 3.18 3.13 10.83
C LEU A 167 3.27 1.65 10.45
N PRO A 168 4.11 1.22 9.50
CA PRO A 168 4.19 -0.24 9.23
C PRO A 168 4.67 -1.02 10.45
N GLU A 169 5.68 -0.50 11.16
CA GLU A 169 6.16 -1.18 12.36
C GLU A 169 5.06 -1.35 13.38
N ASN A 170 4.20 -0.35 13.54
N ASN A 170 4.25 -0.32 13.60
CA ASN A 170 3.15 -0.45 14.55
CA ASN A 170 3.13 -0.43 14.54
C ASN A 170 2.09 -1.46 14.15
C ASN A 170 2.19 -1.55 14.13
N LEU A 171 1.81 -1.57 12.84
CA LEU A 171 0.82 -2.53 12.39
C LEU A 171 1.36 -3.95 12.45
N LEU A 172 2.63 -4.15 12.08
CA LEU A 172 3.24 -5.46 12.10
C LEU A 172 3.44 -6.01 13.52
N GLY A 173 3.45 -5.13 14.53
N GLY A 173 3.43 -5.13 14.52
CA GLY A 173 3.81 -5.54 15.86
CA GLY A 173 3.79 -5.54 15.86
C GLY A 173 2.72 -6.28 16.62
C GLY A 173 2.72 -6.26 16.63
N GLY A 174 1.46 -6.18 16.19
CA GLY A 174 0.40 -6.79 16.97
C GLY A 174 0.41 -8.29 16.91
N ASP A 175 0.77 -8.84 15.74
CA ASP A 175 0.68 -10.28 15.48
C ASP A 175 1.68 -10.61 14.38
N PRO A 176 2.98 -10.49 14.67
CA PRO A 176 3.98 -10.65 13.58
C PRO A 176 3.99 -12.02 12.92
N ASP A 177 3.79 -13.10 13.69
CA ASP A 177 3.75 -14.45 13.11
C ASP A 177 2.74 -14.50 11.96
N PHE A 178 1.58 -13.86 12.14
CA PHE A 178 0.55 -13.97 11.11
C PHE A 178 1.00 -13.32 9.81
N TYR A 179 1.66 -12.17 9.91
CA TYR A 179 2.03 -11.45 8.69
C TYR A 179 3.11 -12.20 7.93
N VAL A 180 4.14 -12.67 8.63
CA VAL A 180 5.24 -13.32 7.92
C VAL A 180 4.79 -14.65 7.33
N LYS A 181 3.95 -15.40 8.05
CA LYS A 181 3.44 -16.64 7.49
C LYS A 181 2.48 -16.39 6.34
N ALA A 182 1.70 -15.28 6.40
CA ALA A 182 0.78 -15.03 5.29
C ALA A 182 1.54 -14.65 4.04
N LYS A 183 2.65 -13.90 4.20
CA LYS A 183 3.45 -13.50 3.04
C LYS A 183 4.16 -14.69 2.42
N LEU A 184 4.80 -15.53 3.25
CA LEU A 184 5.41 -16.74 2.74
C LEU A 184 4.42 -17.57 1.94
N ALA A 185 3.24 -17.81 2.51
CA ALA A 185 2.24 -18.63 1.80
C ALA A 185 1.72 -17.92 0.55
N SER A 186 1.44 -16.62 0.65
CA SER A 186 0.76 -15.89 -0.44
C SER A 186 1.54 -15.97 -1.76
N TRP A 187 2.86 -15.99 -1.68
CA TRP A 187 3.66 -15.87 -2.88
C TRP A 187 4.10 -17.21 -3.46
N THR A 188 3.73 -18.33 -2.84
CA THR A 188 4.02 -19.65 -3.41
C THR A 188 2.97 -19.98 -4.46
N ARG A 189 3.27 -21.00 -5.27
CA ARG A 189 2.28 -21.41 -6.27
C ARG A 189 0.98 -21.85 -5.61
N ALA A 190 1.09 -22.71 -4.60
CA ALA A 190 -0.09 -23.27 -3.95
C ALA A 190 -0.81 -22.30 -3.02
N GLY A 191 -0.15 -21.26 -2.54
CA GLY A 191 -0.78 -20.36 -1.59
C GLY A 191 -0.76 -20.83 -0.15
N ASP A 192 0.03 -21.84 0.18
CA ASP A 192 0.16 -22.28 1.58
C ASP A 192 1.65 -22.44 1.91
N LEU A 193 1.96 -23.04 3.05
CA LEU A 193 3.35 -23.21 3.47
C LEU A 193 3.93 -24.56 3.10
N SER A 194 3.27 -25.33 2.22
CA SER A 194 3.71 -26.70 2.01
C SER A 194 5.07 -26.78 1.33
N ALA A 195 5.45 -25.75 0.55
CA ALA A 195 6.71 -25.78 -0.18
C ALA A 195 7.92 -25.59 0.73
N PHE A 196 7.72 -25.16 1.97
CA PHE A 196 8.82 -24.82 2.86
C PHE A 196 9.11 -25.94 3.84
N ASP A 197 10.38 -26.19 4.11
CA ASP A 197 10.73 -27.00 5.26
C ASP A 197 10.25 -26.28 6.52
N PRO A 198 9.48 -26.92 7.40
CA PRO A 198 9.02 -26.23 8.62
C PRO A 198 10.16 -25.68 9.47
N ARG A 199 11.36 -26.29 9.44
CA ARG A 199 12.49 -25.73 10.16
C ARG A 199 12.95 -24.43 9.53
N ALA A 200 12.84 -24.31 8.22
CA ALA A 200 13.16 -23.04 7.56
C ALA A 200 12.16 -21.96 7.94
N VAL A 201 10.86 -22.32 7.99
CA VAL A 201 9.84 -21.35 8.36
C VAL A 201 10.14 -20.82 9.76
N GLU A 202 10.60 -21.70 10.65
CA GLU A 202 10.86 -21.25 12.01
C GLU A 202 12.00 -20.24 12.04
N HIS A 203 13.05 -20.43 11.23
CA HIS A 203 14.08 -19.40 11.07
C HIS A 203 13.46 -18.07 10.66
N TYR A 204 12.58 -18.10 9.65
CA TYR A 204 11.98 -16.85 9.16
C TYR A 204 11.10 -16.22 10.22
N ARG A 205 10.33 -17.06 10.91
CA ARG A 205 9.43 -16.57 11.96
C ARG A 205 10.21 -15.94 13.11
N ILE A 206 11.31 -16.58 13.51
CA ILE A 206 12.07 -16.07 14.65
C ILE A 206 12.73 -14.73 14.30
N ALA A 207 13.29 -14.61 13.10
CA ALA A 207 13.82 -13.31 12.69
C ALA A 207 12.74 -12.24 12.67
N PHE A 208 11.57 -12.56 12.09
CA PHE A 208 10.49 -11.58 11.98
C PHE A 208 9.91 -11.22 13.33
N ALA A 209 10.15 -12.02 14.37
CA ALA A 209 9.60 -11.72 15.70
C ALA A 209 10.35 -10.60 16.42
N ASP A 210 11.53 -10.21 15.93
CA ASP A 210 12.31 -9.15 16.54
C ASP A 210 11.89 -7.81 15.95
N PRO A 211 11.33 -6.89 16.73
CA PRO A 211 10.97 -5.57 16.16
C PRO A 211 12.10 -4.84 15.44
N MET A 212 13.34 -4.99 15.90
CA MET A 212 14.45 -4.34 15.21
C MET A 212 14.64 -4.95 13.83
N ARG A 213 14.49 -6.28 13.71
CA ARG A 213 14.54 -6.91 12.39
C ARG A 213 13.41 -6.43 11.51
N ARG A 214 12.20 -6.29 12.05
CA ARG A 214 11.09 -5.79 11.24
C ARG A 214 11.34 -4.36 10.79
N HIS A 215 11.95 -3.54 11.65
CA HIS A 215 12.25 -2.18 11.23
C HIS A 215 13.24 -2.16 10.08
N VAL A 216 14.29 -3.00 10.13
CA VAL A 216 15.21 -3.11 8.99
C VAL A 216 14.46 -3.43 7.69
N MET A 217 13.50 -4.37 7.78
CA MET A 217 12.77 -4.75 6.57
C MET A 217 12.01 -3.56 6.01
N CYS A 218 11.41 -2.78 6.90
CA CYS A 218 10.70 -1.58 6.42
C CYS A 218 11.68 -0.56 5.83
N GLU A 219 12.85 -0.34 6.46
CA GLU A 219 13.88 0.53 5.87
C GLU A 219 14.31 0.05 4.48
N ASP A 220 14.39 -1.28 4.31
CA ASP A 220 14.72 -1.87 3.01
C ASP A 220 13.68 -1.48 1.97
N PHE A 221 12.40 -1.56 2.33
CA PHE A 221 11.35 -1.15 1.41
C PHE A 221 11.24 0.36 1.26
N ARG A 222 11.59 1.14 2.29
CA ARG A 222 11.67 2.58 2.12
C ARG A 222 12.78 2.94 1.12
N ALA A 223 13.96 2.32 1.26
CA ALA A 223 14.99 2.48 0.24
C ALA A 223 14.45 2.08 -1.13
N GLY A 224 13.72 0.97 -1.20
CA GLY A 224 13.14 0.50 -2.45
C GLY A 224 12.23 1.50 -3.13
N ALA A 225 11.50 2.29 -2.34
CA ALA A 225 10.60 3.31 -2.87
C ALA A 225 11.31 4.60 -3.23
N TYR A 226 12.49 4.88 -2.66
CA TYR A 226 13.13 6.19 -2.75
C TYR A 226 14.52 6.01 -3.36
N ALA A 227 15.61 6.02 -2.56
CA ALA A 227 16.96 6.03 -3.15
C ALA A 227 17.19 4.89 -4.15
N ASP A 228 16.72 3.65 -3.87
CA ASP A 228 17.00 2.57 -4.83
C ASP A 228 16.39 2.88 -6.19
N PHE A 229 15.17 3.44 -6.16
CA PHE A 229 14.48 3.80 -7.38
C PHE A 229 15.25 4.89 -8.11
N GLU A 230 15.72 5.88 -7.38
CA GLU A 230 16.48 6.97 -7.99
C GLU A 230 17.79 6.48 -8.57
N HIS A 231 18.47 5.55 -7.91
CA HIS A 231 19.71 5.03 -8.47
C HIS A 231 19.42 4.30 -9.76
N ASP A 232 18.37 3.48 -9.76
CA ASP A 232 17.98 2.77 -10.97
C ASP A 232 17.61 3.73 -12.09
N LYS A 233 16.83 4.78 -11.75
CA LYS A 233 16.38 5.76 -12.74
C LYS A 233 17.56 6.41 -13.45
N ILE A 234 18.62 6.74 -12.69
CA ILE A 234 19.82 7.31 -13.33
C ILE A 234 20.38 6.35 -14.37
N ASP A 235 20.46 5.05 -14.04
CA ASP A 235 21.05 4.11 -14.97
C ASP A 235 20.18 3.92 -16.21
N VAL A 236 18.84 3.74 -16.07
CA VAL A 236 18.02 3.51 -17.29
C VAL A 236 18.05 4.73 -18.15
N GLU A 237 17.95 5.90 -17.54
CA GLU A 237 17.83 7.12 -18.33
C GLU A 237 19.16 7.44 -19.00
N ALA A 238 20.26 6.92 -18.46
CA ALA A 238 21.59 7.03 -19.09
C ALA A 238 21.86 5.92 -20.08
N GLY A 239 21.02 4.89 -20.13
CA GLY A 239 21.27 3.77 -21.02
C GLY A 239 22.36 2.84 -20.55
N ASN A 240 22.67 2.86 -19.25
CA ASN A 240 23.71 2.00 -18.71
C ASN A 240 23.20 0.58 -18.62
N LYS A 241 23.98 -0.37 -19.12
CA LYS A 241 23.63 -1.79 -19.03
C LYS A 241 24.70 -2.55 -18.24
N ILE A 242 24.27 -3.59 -17.56
CA ILE A 242 25.21 -4.50 -16.87
C ILE A 242 25.99 -5.27 -17.92
N PRO A 243 27.33 -5.28 -17.87
CA PRO A 243 28.12 -6.03 -18.85
C PRO A 243 28.44 -7.44 -18.44
N VAL A 244 28.25 -7.77 -17.18
CA VAL A 244 28.56 -9.09 -16.59
C VAL A 244 27.62 -10.13 -17.19
N PRO A 245 28.12 -11.29 -17.64
CA PRO A 245 27.21 -12.35 -18.08
C PRO A 245 26.17 -12.62 -17.02
N MET A 246 24.90 -12.69 -17.44
CA MET A 246 23.79 -12.66 -16.50
C MET A 246 22.76 -13.74 -16.80
N LEU A 247 22.16 -14.28 -15.74
CA LEU A 247 21.04 -15.21 -15.83
C LEU A 247 19.86 -14.63 -15.05
N ALA A 248 18.70 -14.51 -15.70
CA ALA A 248 17.46 -14.17 -15.02
C ALA A 248 16.56 -15.39 -14.93
N LEU A 249 16.21 -15.81 -13.72
CA LEU A 249 15.29 -16.92 -13.50
C LEU A 249 14.08 -16.37 -12.80
N TRP A 250 12.90 -16.84 -13.16
CA TRP A 250 11.72 -16.34 -12.46
C TRP A 250 10.67 -17.44 -12.38
N GLY A 251 9.76 -17.30 -11.41
CA GLY A 251 8.70 -18.27 -11.25
C GLY A 251 7.57 -17.95 -12.22
N ALA A 252 7.05 -19.00 -12.85
CA ALA A 252 5.89 -18.80 -13.70
C ALA A 252 4.73 -18.17 -12.96
N SER A 253 4.64 -18.42 -11.65
CA SER A 253 3.61 -17.87 -10.78
C SER A 253 4.19 -16.92 -9.73
N GLY A 254 5.33 -16.30 -10.04
CA GLY A 254 6.01 -15.42 -9.10
C GLY A 254 5.64 -13.95 -9.27
N ILE A 255 6.41 -13.09 -8.58
CA ILE A 255 6.14 -11.66 -8.60
C ILE A 255 6.57 -11.03 -9.92
N ALA A 256 7.74 -11.41 -10.43
CA ALA A 256 8.38 -10.68 -11.54
C ALA A 256 7.52 -10.68 -12.80
N GLN A 257 6.93 -11.82 -13.14
CA GLN A 257 6.18 -11.91 -14.40
C GLN A 257 5.00 -10.95 -14.37
N SER A 258 3.93 -11.30 -13.64
CA SER A 258 2.75 -10.45 -13.49
C SER A 258 2.24 -9.98 -14.84
N ALA A 259 2.73 -8.81 -15.30
CA ALA A 259 2.47 -8.31 -16.66
C ALA A 259 3.78 -7.65 -17.11
N ALA A 260 4.71 -8.51 -17.55
CA ALA A 260 6.05 -8.13 -17.97
C ALA A 260 6.81 -9.39 -18.36
N THR A 261 7.20 -9.52 -19.64
CA THR A 261 8.04 -10.63 -20.08
C THR A 261 9.46 -10.42 -19.56
N PRO A 262 9.87 -11.18 -18.54
CA PRO A 262 11.05 -10.76 -17.76
C PRO A 262 12.34 -10.68 -18.55
N LEU A 263 12.58 -11.61 -19.48
CA LEU A 263 13.82 -11.54 -20.24
C LEU A 263 13.89 -10.29 -21.09
N ASP A 264 12.76 -9.86 -21.66
CA ASP A 264 12.78 -8.65 -22.47
C ASP A 264 13.08 -7.43 -21.62
N VAL A 265 12.54 -7.39 -20.39
CA VAL A 265 12.92 -6.33 -19.46
C VAL A 265 14.41 -6.38 -19.18
N TRP A 266 14.93 -7.56 -18.83
CA TRP A 266 16.33 -7.63 -18.45
C TRP A 266 17.26 -7.30 -19.62
N ARG A 267 16.83 -7.57 -20.86
CA ARG A 267 17.67 -7.20 -21.99
C ARG A 267 17.86 -5.69 -22.13
N LYS A 268 16.94 -4.88 -21.59
CA LYS A 268 17.12 -3.43 -21.54
C LYS A 268 18.17 -3.00 -20.52
N TRP A 269 18.47 -3.88 -19.55
CA TRP A 269 19.34 -3.58 -18.41
C TRP A 269 20.68 -4.29 -18.46
N ALA A 270 20.87 -5.19 -19.43
CA ALA A 270 22.04 -6.06 -19.42
C ALA A 270 22.36 -6.46 -20.83
N SER A 271 23.65 -6.43 -21.20
CA SER A 271 24.04 -6.68 -22.59
C SER A 271 24.37 -8.14 -22.89
N ASP A 272 24.45 -9.00 -21.89
CA ASP A 272 24.75 -10.41 -22.07
C ASP A 272 23.91 -11.19 -21.07
N VAL A 273 22.63 -11.36 -21.35
CA VAL A 273 21.73 -11.98 -20.40
C VAL A 273 20.96 -13.11 -21.07
N GLN A 274 20.81 -14.21 -20.34
CA GLN A 274 19.92 -15.28 -20.72
C GLN A 274 18.90 -15.47 -19.60
N GLY A 275 17.82 -16.19 -19.90
CA GLY A 275 16.87 -16.40 -18.83
C GLY A 275 15.88 -17.50 -19.16
N ALA A 276 15.15 -17.92 -18.13
CA ALA A 276 14.13 -18.93 -18.29
C ALA A 276 13.16 -18.83 -17.13
N PRO A 277 11.88 -19.15 -17.37
CA PRO A 277 10.97 -19.39 -16.25
C PRO A 277 11.21 -20.78 -15.67
N ILE A 278 10.73 -20.94 -14.44
CA ILE A 278 10.63 -22.22 -13.75
C ILE A 278 9.21 -22.31 -13.19
N GLU A 279 8.62 -23.49 -13.25
CA GLU A 279 7.28 -23.69 -12.72
C GLU A 279 7.37 -23.66 -11.21
N SER A 280 6.94 -22.52 -10.66
CA SER A 280 7.13 -22.16 -9.26
C SER A 280 6.40 -20.86 -8.98
N GLY A 281 6.03 -20.63 -7.73
CA GLY A 281 5.78 -19.29 -7.27
C GLY A 281 7.08 -18.52 -7.08
N HIS A 282 7.05 -17.57 -6.14
CA HIS A 282 8.17 -16.64 -5.99
C HIS A 282 9.41 -17.32 -5.42
N PHE A 283 9.25 -18.34 -4.59
CA PHE A 283 10.35 -18.85 -3.76
C PHE A 283 11.06 -19.99 -4.48
N LEU A 284 11.70 -19.64 -5.61
CA LEU A 284 12.28 -20.65 -6.51
C LEU A 284 13.15 -21.67 -5.80
N PRO A 285 14.06 -21.30 -4.91
CA PRO A 285 14.99 -22.33 -4.37
C PRO A 285 14.33 -23.28 -3.39
N GLU A 286 13.15 -22.96 -2.88
CA GLU A 286 12.40 -23.85 -2.02
C GLU A 286 11.25 -24.53 -2.74
N GLU A 287 10.57 -23.83 -3.66
CA GLU A 287 9.47 -24.45 -4.40
C GLU A 287 9.96 -25.35 -5.52
N ALA A 288 11.10 -25.03 -6.12
CA ALA A 288 11.64 -25.82 -7.23
C ALA A 288 13.13 -25.98 -7.06
N PRO A 289 13.55 -26.69 -5.99
CA PRO A 289 15.00 -26.75 -5.73
C PRO A 289 15.78 -27.51 -6.79
N ASP A 290 15.25 -28.61 -7.32
CA ASP A 290 16.03 -29.37 -8.29
C ASP A 290 16.30 -28.56 -9.55
N GLN A 291 15.27 -27.90 -10.07
CA GLN A 291 15.45 -27.12 -11.27
C GLN A 291 16.26 -25.86 -11.04
N THR A 292 16.09 -25.22 -9.88
CA THR A 292 16.87 -24.04 -9.58
C THR A 292 18.34 -24.39 -9.43
N ALA A 293 18.63 -25.46 -8.68
CA ALA A 293 20.02 -25.88 -8.52
C ALA A 293 20.65 -26.24 -9.87
N GLU A 294 19.94 -27.01 -10.69
CA GLU A 294 20.47 -27.34 -12.01
C GLU A 294 20.73 -26.10 -12.84
N ALA A 295 19.79 -25.15 -12.86
CA ALA A 295 19.98 -23.97 -13.68
C ALA A 295 21.20 -23.16 -13.23
N LEU A 296 21.38 -23.04 -11.92
CA LEU A 296 22.52 -22.29 -11.39
C LEU A 296 23.84 -23.01 -11.63
N VAL A 297 23.87 -24.34 -11.40
CA VAL A 297 25.10 -25.11 -11.63
C VAL A 297 25.52 -24.98 -13.09
N ARG A 298 24.57 -25.14 -14.00
CA ARG A 298 24.90 -25.06 -15.41
C ARG A 298 25.36 -23.66 -15.81
N PHE A 299 24.69 -22.62 -15.32
CA PHE A 299 25.08 -21.27 -15.67
C PHE A 299 26.47 -20.92 -15.13
N PHE A 300 26.72 -21.19 -13.85
CA PHE A 300 27.99 -20.77 -13.26
C PHE A 300 29.14 -21.65 -13.70
N SER A 301 28.86 -22.89 -14.12
CA SER A 301 29.91 -23.80 -14.57
C SER A 301 30.35 -23.55 -16.00
N ALA A 302 29.52 -22.88 -16.79
CA ALA A 302 29.73 -22.73 -18.23
C ALA A 302 30.87 -21.77 -18.54
N ASP B 5 -20.29 9.86 27.83
CA ASP B 5 -18.90 10.24 27.64
C ASP B 5 -18.64 10.85 26.26
N LEU B 6 -19.36 10.39 25.24
CA LEU B 6 -19.25 10.98 23.91
C LEU B 6 -20.02 12.31 23.89
N ALA B 7 -19.33 13.39 23.56
CA ALA B 7 -19.92 14.73 23.60
C ALA B 7 -21.00 14.91 22.54
N ASP B 8 -22.06 15.62 22.90
CA ASP B 8 -23.05 16.10 21.94
C ASP B 8 -22.52 17.37 21.29
N LEU B 9 -22.13 17.28 20.02
CA LEU B 9 -21.49 18.39 19.34
C LEU B 9 -22.43 19.15 18.40
N PHE B 10 -23.74 18.89 18.46
CA PHE B 10 -24.72 19.52 17.57
C PHE B 10 -25.82 20.18 18.39
N PRO B 11 -25.56 21.35 18.95
CA PRO B 11 -26.60 22.05 19.73
C PRO B 11 -27.81 22.36 18.86
N GLY B 12 -28.98 21.97 19.35
CA GLY B 12 -30.22 22.23 18.65
C GLY B 12 -30.61 21.18 17.62
N PHE B 13 -29.85 20.10 17.51
CA PHE B 13 -30.14 19.02 16.57
C PHE B 13 -30.76 17.84 17.31
N GLY B 14 -31.78 17.25 16.70
CA GLY B 14 -32.31 15.98 17.15
C GLY B 14 -31.41 14.82 16.76
N SER B 15 -31.79 13.62 17.22
CA SER B 15 -31.10 12.37 16.91
C SER B 15 -32.13 11.39 16.39
N GLU B 16 -31.95 10.92 15.16
CA GLU B 16 -32.93 10.07 14.49
C GLU B 16 -32.28 8.80 13.97
N TRP B 17 -32.97 7.68 14.16
CA TRP B 17 -32.69 6.43 13.49
C TRP B 17 -33.70 6.25 12.38
N ILE B 18 -33.23 6.13 11.14
CA ILE B 18 -34.09 6.11 9.97
C ILE B 18 -34.02 4.71 9.34
N ASN B 19 -35.17 4.07 9.19
CA ASN B 19 -35.23 2.71 8.65
C ASN B 19 -35.05 2.68 7.14
N THR B 20 -34.35 1.65 6.66
CA THR B 20 -34.27 1.35 5.22
C THR B 20 -34.27 -0.16 5.06
N SER B 21 -34.42 -0.61 3.81
CA SER B 21 -34.37 -2.04 3.52
C SER B 21 -33.01 -2.68 3.77
N SER B 22 -31.96 -1.90 4.06
CA SER B 22 -30.63 -2.43 4.36
C SER B 22 -30.18 -2.18 5.81
N GLY B 23 -31.04 -1.62 6.64
CA GLY B 23 -30.69 -1.27 8.01
C GLY B 23 -30.86 0.22 8.27
N ARG B 24 -30.78 0.56 9.56
CA ARG B 24 -30.98 1.94 10.00
C ARG B 24 -29.80 2.83 9.63
N ILE B 25 -30.13 4.07 9.30
CA ILE B 25 -29.17 5.15 9.14
C ILE B 25 -29.34 6.06 10.34
N PHE B 26 -28.27 6.33 11.06
CA PHE B 26 -28.31 7.31 12.14
C PHE B 26 -28.06 8.72 11.57
N ALA B 27 -28.85 9.71 12.04
CA ALA B 27 -28.57 11.09 11.67
C ALA B 27 -28.85 12.05 12.83
N ARG B 28 -28.07 13.13 12.88
CA ARG B 28 -28.45 14.33 13.61
C ARG B 28 -29.23 15.25 12.67
N VAL B 29 -30.35 15.79 13.15
CA VAL B 29 -31.24 16.56 12.29
C VAL B 29 -31.56 17.89 12.97
N GLY B 30 -31.26 18.99 12.29
CA GLY B 30 -31.53 20.31 12.84
C GLY B 30 -31.97 21.27 11.75
N GLY B 31 -32.55 22.38 12.18
CA GLY B 31 -32.87 23.46 11.27
C GLY B 31 -34.23 23.30 10.60
N ASP B 32 -34.49 24.21 9.68
CA ASP B 32 -35.74 24.22 8.90
C ASP B 32 -35.44 24.87 7.56
N GLY B 33 -36.29 24.58 6.58
CA GLY B 33 -36.08 25.11 5.26
C GLY B 33 -35.78 23.97 4.30
N PRO B 34 -35.15 24.29 3.18
CA PRO B 34 -34.86 23.27 2.18
C PRO B 34 -33.94 22.21 2.75
N PRO B 35 -34.12 20.95 2.37
CA PRO B 35 -33.35 19.87 2.99
C PRO B 35 -31.95 19.73 2.40
N LEU B 36 -31.01 19.47 3.29
CA LEU B 36 -29.60 19.36 2.94
C LEU B 36 -29.03 18.18 3.70
N LEU B 37 -28.55 17.18 2.95
CA LEU B 37 -27.91 15.99 3.50
C LEU B 37 -26.39 16.15 3.49
N LEU B 38 -25.76 15.86 4.63
CA LEU B 38 -24.30 15.90 4.74
C LEU B 38 -23.74 14.51 4.99
N LEU B 39 -22.75 14.11 4.19
CA LEU B 39 -22.16 12.78 4.26
C LEU B 39 -20.66 12.82 4.49
N HIS B 40 -20.23 12.26 5.62
CA HIS B 40 -18.83 12.16 6.03
C HIS B 40 -18.11 11.07 5.24
N GLY B 41 -16.82 10.90 5.58
CA GLY B 41 -16.04 9.83 5.03
C GLY B 41 -15.16 9.13 6.03
N PHE B 42 -13.99 8.67 5.55
CA PHE B 42 -13.06 7.85 6.31
C PHE B 42 -11.93 8.68 6.90
N PRO B 43 -11.50 8.42 8.15
CA PRO B 43 -12.03 7.47 9.12
C PRO B 43 -12.91 8.19 10.14
N GLN B 44 -14.03 8.75 9.68
CA GLN B 44 -14.80 9.64 10.54
C GLN B 44 -16.25 9.18 10.63
N THR B 45 -17.08 10.02 11.23
CA THR B 45 -18.50 9.82 11.36
C THR B 45 -19.17 11.15 11.10
N HIS B 46 -20.50 11.17 11.25
CA HIS B 46 -21.25 12.41 11.04
C HIS B 46 -20.70 13.57 11.86
N VAL B 47 -19.97 13.31 12.94
CA VAL B 47 -19.57 14.43 13.77
C VAL B 47 -18.56 15.34 13.11
N MET B 48 -17.90 14.91 12.00
CA MET B 48 -16.96 15.81 11.35
C MET B 48 -17.63 17.06 10.78
N TRP B 49 -18.96 17.10 10.72
CA TRP B 49 -19.66 18.29 10.27
C TRP B 49 -19.97 19.26 11.40
N HIS B 50 -19.46 19.02 12.63
CA HIS B 50 -19.99 19.74 13.80
C HIS B 50 -19.64 21.21 13.81
N ARG B 51 -18.58 21.63 13.11
CA ARG B 51 -18.23 23.04 13.06
C ARG B 51 -18.92 23.80 11.93
N VAL B 52 -19.49 23.11 10.95
CA VAL B 52 -20.16 23.80 9.86
C VAL B 52 -21.67 23.59 9.86
N ALA B 53 -22.17 22.51 10.46
CA ALA B 53 -23.61 22.26 10.45
C ALA B 53 -24.43 23.39 11.08
N PRO B 54 -24.00 24.04 12.18
CA PRO B 54 -24.82 25.13 12.72
C PRO B 54 -25.08 26.26 11.73
N LYS B 55 -24.05 26.72 11.02
CA LYS B 55 -24.25 27.78 10.05
C LYS B 55 -25.17 27.33 8.92
N LEU B 56 -25.06 26.06 8.51
CA LEU B 56 -25.98 25.57 7.49
C LEU B 56 -27.41 25.51 8.02
N ALA B 57 -27.58 25.12 9.29
CA ALA B 57 -28.90 25.00 9.88
C ALA B 57 -29.58 26.35 10.09
N GLU B 58 -28.85 27.46 9.87
CA GLU B 58 -29.49 28.77 9.88
C GLU B 58 -30.45 28.92 8.71
N ARG B 59 -30.21 28.19 7.63
CA ARG B 59 -30.94 28.36 6.38
C ARG B 59 -31.58 27.10 5.87
N PHE B 60 -31.15 25.94 6.34
CA PHE B 60 -31.56 24.67 5.75
C PHE B 60 -32.02 23.71 6.84
N LYS B 61 -32.85 22.75 6.45
CA LYS B 61 -33.02 21.56 7.28
C LYS B 61 -31.84 20.64 6.99
N VAL B 62 -31.02 20.42 8.00
CA VAL B 62 -29.71 19.78 7.83
C VAL B 62 -29.79 18.39 8.45
N ILE B 63 -29.48 17.37 7.62
CA ILE B 63 -29.51 15.97 8.02
C ILE B 63 -28.07 15.47 7.97
N VAL B 64 -27.50 15.12 9.12
CA VAL B 64 -26.08 14.77 9.21
C VAL B 64 -26.01 13.27 9.50
N ALA B 65 -25.77 12.46 8.45
CA ALA B 65 -26.00 11.02 8.50
C ALA B 65 -24.69 10.25 8.58
N ASP B 66 -24.69 9.20 9.39
CA ASP B 66 -23.64 8.20 9.32
C ASP B 66 -23.86 7.32 8.08
N LEU B 67 -22.79 7.14 7.29
CA LEU B 67 -22.85 6.30 6.10
C LEU B 67 -23.27 4.89 6.49
N PRO B 68 -23.84 4.13 5.55
CA PRO B 68 -24.13 2.72 5.83
C PRO B 68 -22.91 2.02 6.42
N GLY B 69 -23.11 1.38 7.58
CA GLY B 69 -22.03 0.62 8.20
C GLY B 69 -21.07 1.42 9.03
N TYR B 70 -21.18 2.75 9.02
CA TYR B 70 -20.30 3.65 9.77
C TYR B 70 -21.02 4.23 10.99
N GLY B 71 -20.23 4.55 12.02
CA GLY B 71 -20.75 5.29 13.17
C GLY B 71 -21.80 4.49 13.90
N TRP B 72 -23.03 5.01 13.96
CA TRP B 72 -24.13 4.29 14.59
C TRP B 72 -25.13 3.74 13.59
N SER B 73 -24.91 3.90 12.29
CA SER B 73 -25.76 3.22 11.32
C SER B 73 -25.55 1.72 11.41
N ASP B 74 -26.58 0.96 11.04
CA ASP B 74 -26.45 -0.49 11.04
C ASP B 74 -25.43 -0.93 10.00
N MET B 75 -24.90 -2.14 10.16
CA MET B 75 -23.93 -2.69 9.22
C MET B 75 -24.58 -3.79 8.39
N PRO B 76 -25.04 -3.52 7.17
CA PRO B 76 -25.56 -4.60 6.33
C PRO B 76 -24.52 -5.69 6.11
N GLU B 77 -24.99 -6.91 5.96
CA GLU B 77 -24.06 -8.00 5.67
C GLU B 77 -23.49 -7.81 4.26
N SER B 78 -22.17 -7.96 4.11
CA SER B 78 -21.54 -7.80 2.81
C SER B 78 -21.60 -9.11 2.03
N ASP B 79 -20.95 -9.12 0.88
CA ASP B 79 -20.88 -10.31 0.05
C ASP B 79 -19.57 -10.25 -0.73
N GLU B 80 -19.39 -11.21 -1.66
CA GLU B 80 -18.11 -11.35 -2.35
C GLU B 80 -17.79 -10.17 -3.26
N GLN B 81 -18.79 -9.38 -3.67
CA GLN B 81 -18.58 -8.18 -4.47
C GLN B 81 -18.70 -6.91 -3.65
N HIS B 82 -18.77 -7.04 -2.31
CA HIS B 82 -18.79 -5.90 -1.37
C HIS B 82 -19.98 -5.00 -1.61
N THR B 83 -21.07 -5.60 -2.09
CA THR B 83 -22.17 -4.82 -2.68
C THR B 83 -22.72 -3.73 -1.77
N PRO B 84 -23.07 -3.98 -0.50
CA PRO B 84 -23.71 -2.90 0.29
C PRO B 84 -22.77 -1.74 0.55
N TYR B 85 -21.47 -1.92 0.37
CA TYR B 85 -20.51 -0.86 0.63
C TYR B 85 -20.00 -0.24 -0.66
N THR B 86 -20.55 -0.64 -1.81
CA THR B 86 -20.33 0.12 -3.03
C THR B 86 -21.06 1.45 -2.94
N LYS B 87 -20.53 2.45 -3.63
CA LYS B 87 -21.17 3.75 -3.54
C LYS B 87 -22.54 3.73 -4.21
N ARG B 88 -22.73 2.89 -5.23
CA ARG B 88 -24.04 2.79 -5.85
C ARG B 88 -25.07 2.29 -4.86
N ALA B 89 -24.74 1.23 -4.11
CA ALA B 89 -25.66 0.71 -3.11
C ALA B 89 -25.84 1.67 -1.93
N MET B 90 -24.76 2.31 -1.46
CA MET B 90 -24.89 3.28 -0.37
C MET B 90 -25.81 4.43 -0.77
N ALA B 91 -25.67 4.90 -2.00
CA ALA B 91 -26.56 5.95 -2.49
C ALA B 91 -28.01 5.47 -2.52
N LYS B 92 -28.27 4.26 -3.00
CA LYS B 92 -29.64 3.74 -2.96
C LYS B 92 -30.17 3.69 -1.54
N GLN B 93 -29.35 3.26 -0.59
CA GLN B 93 -29.82 3.17 0.80
C GLN B 93 -30.10 4.55 1.37
N LEU B 94 -29.28 5.55 1.04
CA LEU B 94 -29.55 6.89 1.57
C LEU B 94 -30.74 7.54 0.89
N ILE B 95 -30.98 7.21 -0.39
CA ILE B 95 -32.22 7.65 -1.04
C ILE B 95 -33.43 7.10 -0.29
N GLU B 96 -33.38 5.83 0.13
CA GLU B 96 -34.48 5.25 0.92
C GLU B 96 -34.63 5.96 2.26
N ALA B 97 -33.53 6.27 2.92
CA ALA B 97 -33.60 6.97 4.19
C ALA B 97 -34.21 8.35 4.01
N MET B 98 -33.81 9.07 2.97
CA MET B 98 -34.39 10.38 2.74
C MET B 98 -35.89 10.29 2.44
N GLU B 99 -36.32 9.24 1.71
CA GLU B 99 -37.75 9.06 1.48
C GLU B 99 -38.52 8.85 2.78
N GLN B 100 -37.93 8.23 3.79
CA GLN B 100 -38.63 8.05 5.06
C GLN B 100 -38.97 9.38 5.70
N LEU B 101 -38.19 10.41 5.41
CA LEU B 101 -38.42 11.76 5.90
C LEU B 101 -39.25 12.58 4.92
N GLY B 102 -39.69 11.98 3.82
CA GLY B 102 -40.39 12.73 2.81
C GLY B 102 -39.54 13.63 1.92
N HIS B 103 -38.22 13.39 1.83
CA HIS B 103 -37.35 14.18 0.97
C HIS B 103 -36.99 13.36 -0.26
N VAL B 104 -37.56 13.73 -1.41
CA VAL B 104 -37.25 13.10 -2.70
C VAL B 104 -36.48 14.02 -3.62
N HIS B 105 -36.22 15.24 -3.19
CA HIS B 105 -35.38 16.17 -3.95
C HIS B 105 -34.68 17.02 -2.90
N PHE B 106 -33.37 16.93 -2.83
CA PHE B 106 -32.67 17.57 -1.74
C PHE B 106 -31.30 18.03 -2.20
N ALA B 107 -30.66 18.85 -1.39
CA ALA B 107 -29.28 19.23 -1.62
C ALA B 107 -28.37 18.27 -0.86
N LEU B 108 -27.14 18.14 -1.35
CA LEU B 108 -26.22 17.12 -0.86
C LEU B 108 -24.79 17.63 -0.86
N ALA B 109 -24.09 17.49 0.28
CA ALA B 109 -22.66 17.74 0.35
C ALA B 109 -21.98 16.53 0.97
N GLY B 110 -20.88 16.10 0.36
CA GLY B 110 -20.12 14.97 0.86
C GLY B 110 -18.64 15.29 0.93
N HIS B 111 -17.95 14.54 1.82
CA HIS B 111 -16.51 14.64 1.99
C HIS B 111 -15.92 13.25 1.95
N ASP B 112 -14.80 13.08 1.24
CA ASP B 112 -14.05 11.79 1.25
C ASP B 112 -15.02 10.69 0.79
N ARG B 113 -15.13 9.55 1.47
CA ARG B 113 -15.99 8.48 0.97
C ARG B 113 -17.41 8.97 0.75
N GLY B 114 -17.90 9.85 1.63
CA GLY B 114 -19.25 10.38 1.49
C GLY B 114 -19.45 11.19 0.23
N ALA B 115 -18.39 11.86 -0.24
CA ALA B 115 -18.48 12.57 -1.51
C ALA B 115 -18.53 11.59 -2.68
N ARG B 116 -17.97 10.40 -2.50
CA ARG B 116 -18.07 9.36 -3.55
C ARG B 116 -19.48 8.80 -3.61
N VAL B 117 -20.11 8.53 -2.45
CA VAL B 117 -21.54 8.27 -2.43
C VAL B 117 -22.28 9.36 -3.17
N SER B 118 -21.92 10.62 -2.91
CA SER B 118 -22.68 11.75 -3.42
C SER B 118 -22.59 11.85 -4.94
N TYR B 119 -21.39 11.73 -5.53
CA TYR B 119 -21.36 11.91 -6.98
C TYR B 119 -21.91 10.67 -7.68
N ARG B 120 -21.76 9.49 -7.09
CA ARG B 120 -22.42 8.32 -7.67
C ARG B 120 -23.94 8.48 -7.61
N LEU B 121 -24.46 9.02 -6.51
CA LEU B 121 -25.89 9.30 -6.43
C LEU B 121 -26.32 10.23 -7.57
N ALA B 122 -25.53 11.28 -7.81
CA ALA B 122 -25.85 12.25 -8.85
C ALA B 122 -25.80 11.61 -10.23
N LEU B 123 -24.88 10.68 -10.46
CA LEU B 123 -24.80 10.01 -11.75
C LEU B 123 -25.97 9.03 -11.95
N ASP B 124 -26.35 8.29 -10.89
CA ASP B 124 -27.38 7.27 -10.98
C ASP B 124 -28.78 7.85 -10.92
N SER B 125 -28.97 8.89 -10.09
CA SER B 125 -30.30 9.37 -9.72
C SER B 125 -30.28 10.89 -9.63
N PRO B 126 -29.97 11.58 -10.73
CA PRO B 126 -29.81 13.04 -10.67
C PRO B 126 -31.08 13.77 -10.28
N GLY B 127 -32.23 13.20 -10.58
CA GLY B 127 -33.49 13.83 -10.19
C GLY B 127 -33.65 13.98 -8.69
N ARG B 128 -32.86 13.23 -7.90
CA ARG B 128 -32.91 13.36 -6.45
C ARG B 128 -32.28 14.64 -5.94
N LEU B 129 -31.43 15.32 -6.71
CA LEU B 129 -30.56 16.38 -6.20
C LEU B 129 -30.87 17.73 -6.83
N SER B 130 -31.04 18.72 -5.98
CA SER B 130 -31.12 20.09 -6.45
C SER B 130 -29.72 20.65 -6.73
N LYS B 131 -28.78 20.38 -5.83
CA LYS B 131 -27.41 20.90 -5.90
C LYS B 131 -26.51 19.90 -5.18
N LEU B 132 -25.24 19.83 -5.60
CA LEU B 132 -24.31 18.83 -5.08
C LEU B 132 -22.98 19.50 -4.76
N ALA B 133 -22.42 19.24 -3.59
CA ALA B 133 -21.07 19.68 -3.26
C ALA B 133 -20.22 18.48 -2.90
N VAL B 134 -18.99 18.45 -3.43
CA VAL B 134 -18.02 17.42 -3.08
C VAL B 134 -16.76 18.10 -2.52
N LEU B 135 -16.22 17.53 -1.44
CA LEU B 135 -15.12 18.15 -0.69
C LEU B 135 -13.86 17.32 -0.78
N ASP B 136 -12.81 17.91 -1.37
CA ASP B 136 -11.44 17.35 -1.51
C ASP B 136 -11.41 15.92 -2.04
N ILE B 137 -12.12 15.69 -3.16
CA ILE B 137 -12.02 14.44 -3.90
C ILE B 137 -12.01 14.68 -5.41
N LEU B 138 -11.45 13.71 -6.11
CA LEU B 138 -11.72 13.43 -7.51
C LEU B 138 -12.48 12.12 -7.64
N PRO B 139 -13.09 11.83 -8.79
CA PRO B 139 -13.78 10.55 -8.95
C PRO B 139 -12.84 9.37 -8.73
N THR B 140 -13.38 8.29 -8.16
CA THR B 140 -12.58 7.09 -7.94
C THR B 140 -11.86 6.64 -9.21
N TYR B 141 -12.53 6.68 -10.36
CA TYR B 141 -11.84 6.29 -11.59
C TYR B 141 -10.60 7.15 -11.82
N GLU B 142 -10.69 8.46 -11.56
CA GLU B 142 -9.55 9.33 -11.82
C GLU B 142 -8.39 9.02 -10.89
N TYR B 143 -8.69 8.79 -9.61
N TYR B 143 -8.67 8.76 -9.62
CA TYR B 143 -7.64 8.42 -8.65
CA TYR B 143 -7.56 8.47 -8.71
C TYR B 143 -6.89 7.18 -9.12
C TYR B 143 -6.87 7.16 -9.09
N TRP B 144 -7.63 6.15 -9.56
CA TRP B 144 -6.99 4.94 -10.02
C TRP B 144 -6.22 5.17 -11.32
N GLN B 145 -6.75 6.01 -12.22
CA GLN B 145 -5.97 6.32 -13.42
C GLN B 145 -4.65 7.02 -13.08
N ARG B 146 -4.61 7.71 -11.94
CA ARG B 146 -3.45 8.46 -11.48
C ARG B 146 -2.50 7.61 -10.65
N MET B 147 -2.77 6.31 -10.50
CA MET B 147 -2.07 5.48 -9.50
C MET B 147 -0.70 5.02 -10.02
N ASN B 148 0.21 6.00 -10.13
CA ASN B 148 1.62 5.75 -10.44
C ASN B 148 2.41 5.58 -9.14
N ARG B 149 3.75 5.60 -9.18
CA ARG B 149 4.53 5.48 -7.94
C ARG B 149 4.16 6.55 -6.92
N ALA B 150 4.10 7.82 -7.34
CA ALA B 150 3.85 8.88 -6.36
C ALA B 150 2.51 8.68 -5.66
N TYR B 151 1.48 8.30 -6.42
CA TYR B 151 0.14 8.13 -5.82
C TYR B 151 0.05 6.83 -5.04
N ALA B 152 0.75 5.78 -5.49
CA ALA B 152 0.70 4.54 -4.73
C ALA B 152 1.28 4.74 -3.34
N LEU B 153 2.29 5.61 -3.24
CA LEU B 153 2.86 5.94 -1.94
C LEU B 153 1.92 6.87 -1.14
N LYS B 154 1.43 7.95 -1.73
CA LYS B 154 0.59 8.85 -0.91
C LYS B 154 -0.74 8.22 -0.55
N ILE B 155 -1.35 7.50 -1.49
CA ILE B 155 -2.69 6.95 -1.30
C ILE B 155 -2.57 5.44 -1.09
N TYR B 156 -1.57 5.02 -0.31
CA TYR B 156 -1.33 3.58 -0.16
C TYR B 156 -2.54 2.87 0.43
N HIS B 157 -3.32 3.55 1.29
CA HIS B 157 -4.36 2.83 2.02
C HIS B 157 -5.47 2.37 1.08
N TRP B 158 -5.62 2.99 -0.10
CA TRP B 158 -6.58 2.49 -1.08
C TRP B 158 -6.27 1.06 -1.53
N SER B 159 -4.98 0.71 -1.60
CA SER B 159 -4.61 -0.65 -1.97
C SER B 159 -4.43 -1.55 -0.75
N PHE B 160 -3.93 -1.00 0.36
CA PHE B 160 -3.73 -1.82 1.55
C PHE B 160 -5.06 -2.28 2.13
N LEU B 161 -6.01 -1.35 2.28
CA LEU B 161 -7.28 -1.72 2.90
C LEU B 161 -8.16 -2.53 1.96
N ALA B 162 -7.82 -2.56 0.67
CA ALA B 162 -8.52 -3.38 -0.30
C ALA B 162 -7.94 -4.79 -0.45
N GLN B 163 -6.87 -5.13 0.26
CA GLN B 163 -6.36 -6.49 0.18
C GLN B 163 -7.42 -7.46 0.68
N PRO B 164 -7.41 -8.71 0.20
CA PRO B 164 -8.42 -9.66 0.64
C PRO B 164 -8.42 -9.86 2.15
N ALA B 165 -9.62 -9.93 2.71
CA ALA B 165 -9.77 -10.23 4.12
C ALA B 165 -9.11 -11.59 4.41
N PRO B 166 -8.47 -11.75 5.58
CA PRO B 166 -8.41 -10.86 6.74
C PRO B 166 -7.13 -10.05 6.87
N LEU B 167 -6.38 -9.85 5.79
CA LEU B 167 -5.07 -9.21 5.93
C LEU B 167 -5.16 -7.84 6.60
N PRO B 168 -5.91 -6.86 6.09
CA PRO B 168 -5.92 -5.56 6.79
C PRO B 168 -6.62 -5.63 8.13
N GLU B 169 -7.71 -6.41 8.24
CA GLU B 169 -8.41 -6.57 9.52
C GLU B 169 -7.47 -7.08 10.59
N ASN B 170 -6.65 -8.09 10.27
CA ASN B 170 -5.72 -8.63 11.25
C ASN B 170 -4.72 -7.56 11.68
N LEU B 171 -4.16 -6.82 10.71
CA LEU B 171 -3.14 -5.83 11.05
C LEU B 171 -3.74 -4.68 11.84
N LEU B 172 -4.97 -4.29 11.53
CA LEU B 172 -5.56 -3.15 12.22
C LEU B 172 -5.93 -3.47 13.67
N GLY B 173 -6.09 -4.74 14.02
CA GLY B 173 -6.56 -5.07 15.36
C GLY B 173 -5.53 -4.90 16.47
N GLY B 174 -4.24 -4.78 16.14
CA GLY B 174 -3.24 -4.71 17.18
C GLY B 174 -3.24 -3.38 17.90
N ASP B 175 -3.46 -2.30 17.16
CA ASP B 175 -3.38 -0.93 17.72
C ASP B 175 -4.26 -0.02 16.88
N PRO B 176 -5.58 -0.22 16.95
CA PRO B 176 -6.50 0.65 16.17
C PRO B 176 -6.37 2.14 16.49
N ASP B 177 -6.14 2.53 17.75
CA ASP B 177 -6.05 3.96 18.07
C ASP B 177 -4.93 4.63 17.29
N PHE B 178 -3.78 3.95 17.15
CA PHE B 178 -2.70 4.57 16.43
C PHE B 178 -3.08 4.80 14.97
N TYR B 179 -3.76 3.83 14.35
CA TYR B 179 -4.03 3.93 12.92
C TYR B 179 -5.05 5.02 12.62
N VAL B 180 -6.13 5.09 13.40
CA VAL B 180 -7.12 6.12 13.15
C VAL B 180 -6.52 7.50 13.38
N LYS B 181 -5.68 7.65 14.42
CA LYS B 181 -5.07 8.96 14.62
C LYS B 181 -4.10 9.32 13.48
N ALA B 182 -3.37 8.34 12.95
CA ALA B 182 -2.51 8.63 11.80
C ALA B 182 -3.33 9.02 10.58
N LYS B 183 -4.48 8.40 10.39
CA LYS B 183 -5.29 8.67 9.20
C LYS B 183 -6.09 9.94 9.34
N LEU B 184 -6.10 10.53 10.54
CA LEU B 184 -6.62 11.88 10.75
C LEU B 184 -5.54 12.93 10.59
N ALA B 185 -4.36 12.70 11.18
CA ALA B 185 -3.31 13.73 11.20
C ALA B 185 -2.61 13.85 9.86
N SER B 186 -2.45 12.74 9.12
CA SER B 186 -1.50 12.69 8.01
C SER B 186 -1.82 13.73 6.93
N TRP B 187 -3.11 13.90 6.66
N TRP B 187 -3.08 13.91 6.54
CA TRP B 187 -3.67 14.65 5.56
CA TRP B 187 -3.34 14.84 5.43
C TRP B 187 -4.08 16.07 5.98
C TRP B 187 -3.81 16.21 5.92
N THR B 188 -3.78 16.47 7.22
CA THR B 188 -4.05 17.84 7.66
C THR B 188 -2.87 18.72 7.31
N ARG B 189 -3.16 20.02 7.18
CA ARG B 189 -2.07 20.97 6.97
C ARG B 189 -1.08 20.94 8.13
N ALA B 190 -1.59 20.82 9.37
CA ALA B 190 -0.72 20.88 10.54
C ALA B 190 0.16 19.64 10.68
N GLY B 191 -0.26 18.52 10.11
CA GLY B 191 0.40 17.24 10.29
C GLY B 191 0.23 16.59 11.65
N ASP B 192 -0.60 17.16 12.52
CA ASP B 192 -0.88 16.60 13.83
C ASP B 192 -2.39 16.63 14.04
N LEU B 193 -2.84 16.38 15.27
CA LEU B 193 -4.27 16.31 15.55
C LEU B 193 -4.84 17.65 16.00
N SER B 194 -4.07 18.73 15.92
CA SER B 194 -4.50 19.96 16.54
C SER B 194 -5.70 20.62 15.85
N ALA B 195 -5.94 20.34 14.54
CA ALA B 195 -7.11 20.94 13.88
C ALA B 195 -8.44 20.35 14.34
N PHE B 196 -8.42 19.20 14.99
CA PHE B 196 -9.64 18.51 15.38
C PHE B 196 -10.02 18.86 16.82
N ASP B 197 -11.32 18.95 17.05
CA ASP B 197 -11.81 18.99 18.42
C ASP B 197 -11.51 17.66 19.10
N PRO B 198 -10.88 17.65 20.28
CA PRO B 198 -10.61 16.36 20.94
C PRO B 198 -11.85 15.50 21.16
N ARG B 199 -13.01 16.10 21.39
CA ARG B 199 -14.23 15.32 21.53
C ARG B 199 -14.63 14.65 20.23
N ALA B 200 -14.37 15.31 19.09
CA ALA B 200 -14.60 14.67 17.81
C ALA B 200 -13.63 13.52 17.57
N VAL B 201 -12.34 13.72 17.90
CA VAL B 201 -11.39 12.61 17.76
C VAL B 201 -11.86 11.41 18.55
N GLU B 202 -12.40 11.62 19.77
CA GLU B 202 -12.86 10.48 20.56
C GLU B 202 -14.02 9.73 19.87
N HIS B 203 -14.96 10.45 19.24
CA HIS B 203 -15.96 9.78 18.40
C HIS B 203 -15.29 8.91 17.33
N TYR B 204 -14.32 9.46 16.62
CA TYR B 204 -13.67 8.67 15.56
C TYR B 204 -12.92 7.49 16.16
N ARG B 205 -12.26 7.69 17.30
CA ARG B 205 -11.49 6.62 17.90
C ARG B 205 -12.39 5.49 18.39
N ILE B 206 -13.52 5.84 19.02
CA ILE B 206 -14.42 4.83 19.55
C ILE B 206 -14.99 3.98 18.42
N ALA B 207 -15.37 4.62 17.32
CA ALA B 207 -15.88 3.86 16.19
C ALA B 207 -14.82 2.91 15.65
N PHE B 208 -13.60 3.40 15.48
CA PHE B 208 -12.54 2.60 14.87
C PHE B 208 -12.08 1.49 15.80
N ALA B 209 -12.45 1.57 17.09
CA ALA B 209 -12.06 0.54 18.05
C ALA B 209 -12.85 -0.75 17.89
N ASP B 210 -13.95 -0.72 17.14
CA ASP B 210 -14.80 -1.88 16.99
C ASP B 210 -14.35 -2.68 15.76
N PRO B 211 -13.95 -3.96 15.90
CA PRO B 211 -13.53 -4.71 14.71
C PRO B 211 -14.58 -4.78 13.61
N MET B 212 -15.86 -4.81 13.96
CA MET B 212 -16.89 -4.88 12.91
C MET B 212 -16.95 -3.58 12.11
N ARG B 213 -16.74 -2.44 12.77
CA ARG B 213 -16.67 -1.16 12.06
C ARG B 213 -15.44 -1.09 11.16
N ARG B 214 -14.29 -1.59 11.63
CA ARG B 214 -13.12 -1.60 10.76
C ARG B 214 -13.33 -2.51 9.55
N HIS B 215 -14.02 -3.64 9.73
CA HIS B 215 -14.24 -4.53 8.60
C HIS B 215 -15.09 -3.82 7.54
N VAL B 216 -16.12 -3.08 7.97
CA VAL B 216 -16.91 -2.27 7.02
C VAL B 216 -16.01 -1.33 6.23
N MET B 217 -15.11 -0.63 6.90
CA MET B 217 -14.23 0.30 6.21
C MET B 217 -13.40 -0.43 5.16
N CYS B 218 -12.91 -1.62 5.48
CA CYS B 218 -12.17 -2.36 4.49
C CYS B 218 -13.06 -2.78 3.33
N GLU B 219 -14.33 -3.11 3.62
CA GLU B 219 -15.25 -3.44 2.52
C GLU B 219 -15.50 -2.22 1.62
N ASP B 220 -15.56 -1.04 2.21
CA ASP B 220 -15.68 0.22 1.46
C ASP B 220 -14.50 0.37 0.48
N PHE B 221 -13.27 0.19 0.97
CA PHE B 221 -12.12 0.29 0.09
C PHE B 221 -12.04 -0.89 -0.89
N ARG B 222 -12.52 -2.08 -0.52
CA ARG B 222 -12.58 -3.15 -1.51
C ARG B 222 -13.55 -2.78 -2.62
N ALA B 223 -14.72 -2.25 -2.26
CA ALA B 223 -15.64 -1.75 -3.27
C ALA B 223 -15.00 -0.66 -4.12
N GLY B 224 -14.24 0.21 -3.47
CA GLY B 224 -13.60 1.32 -4.17
C GLY B 224 -12.58 0.87 -5.19
N ALA B 225 -11.95 -0.29 -4.95
CA ALA B 225 -10.96 -0.84 -5.88
C ALA B 225 -11.59 -1.62 -7.02
N TYR B 226 -12.82 -2.11 -6.83
CA TYR B 226 -13.41 -3.05 -7.79
C TYR B 226 -14.72 -2.49 -8.35
N ALA B 227 -15.88 -2.78 -7.76
CA ALA B 227 -17.14 -2.33 -8.36
C ALA B 227 -17.21 -0.81 -8.54
N ASP B 228 -16.76 -0.01 -7.55
CA ASP B 228 -16.91 1.44 -7.71
C ASP B 228 -16.13 1.90 -8.93
N PHE B 229 -14.93 1.35 -9.12
CA PHE B 229 -14.09 1.70 -10.25
C PHE B 229 -14.78 1.32 -11.56
N GLU B 230 -15.33 0.11 -11.63
CA GLU B 230 -16.04 -0.33 -12.85
C GLU B 230 -17.26 0.53 -13.13
N HIS B 231 -18.03 0.86 -12.10
CA HIS B 231 -19.17 1.74 -12.31
C HIS B 231 -18.72 3.09 -12.87
N ASP B 232 -17.65 3.67 -12.30
CA ASP B 232 -17.17 4.95 -12.81
C ASP B 232 -16.69 4.80 -14.26
N LYS B 233 -16.01 3.68 -14.55
CA LYS B 233 -15.45 3.45 -15.89
C LYS B 233 -16.56 3.43 -16.96
N ILE B 234 -17.73 2.86 -16.63
CA ILE B 234 -18.84 2.90 -17.59
C ILE B 234 -19.25 4.33 -17.89
N ASP B 235 -19.35 5.18 -16.87
CA ASP B 235 -19.73 6.58 -17.13
C ASP B 235 -18.69 7.30 -17.98
N VAL B 236 -17.39 7.09 -17.70
CA VAL B 236 -16.36 7.72 -18.52
C VAL B 236 -16.48 7.24 -19.96
N GLU B 237 -16.62 5.93 -20.14
CA GLU B 237 -16.67 5.39 -21.48
C GLU B 237 -17.92 5.83 -22.24
N ALA B 238 -18.98 6.22 -21.54
CA ALA B 238 -20.22 6.72 -22.13
C ALA B 238 -20.26 8.25 -22.26
N GLY B 239 -19.27 8.96 -21.74
CA GLY B 239 -19.31 10.41 -21.75
C GLY B 239 -20.41 10.98 -20.89
N ASN B 240 -20.80 10.28 -19.83
CA ASN B 240 -21.88 10.75 -18.97
C ASN B 240 -21.35 11.79 -18.01
N LYS B 241 -22.05 12.89 -17.90
CA LYS B 241 -21.68 14.00 -17.03
C LYS B 241 -22.84 14.28 -16.08
N ILE B 242 -22.51 14.60 -14.84
CA ILE B 242 -23.52 15.00 -13.87
C ILE B 242 -24.18 16.29 -14.34
N PRO B 243 -25.51 16.35 -14.44
CA PRO B 243 -26.18 17.61 -14.83
C PRO B 243 -26.60 18.49 -13.67
N VAL B 244 -26.55 17.95 -12.45
CA VAL B 244 -26.88 18.65 -11.21
C VAL B 244 -25.90 19.80 -11.02
N PRO B 245 -26.34 21.03 -10.75
CA PRO B 245 -25.40 22.09 -10.35
C PRO B 245 -24.49 21.63 -9.23
N MET B 246 -23.19 21.90 -9.38
CA MET B 246 -22.19 21.26 -8.55
C MET B 246 -21.14 22.26 -8.08
N LEU B 247 -20.62 22.00 -6.88
CA LEU B 247 -19.50 22.74 -6.30
C LEU B 247 -18.43 21.74 -5.91
N ALA B 248 -17.20 21.97 -6.35
CA ALA B 248 -16.04 21.17 -5.96
C ALA B 248 -15.14 22.08 -5.13
N LEU B 249 -15.02 21.79 -3.82
CA LEU B 249 -14.06 22.44 -2.96
C LEU B 249 -12.92 21.48 -2.70
N TRP B 250 -11.70 22.03 -2.59
CA TRP B 250 -10.56 21.18 -2.30
C TRP B 250 -9.57 21.94 -1.43
N GLY B 251 -8.69 21.18 -0.79
CA GLY B 251 -7.66 21.75 0.08
C GLY B 251 -6.44 22.09 -0.76
N ALA B 252 -5.90 23.29 -0.57
CA ALA B 252 -4.66 23.63 -1.27
C ALA B 252 -3.54 22.69 -0.84
N SER B 253 -3.63 22.15 0.37
CA SER B 253 -2.69 21.16 0.86
C SER B 253 -3.32 19.78 0.92
N GLY B 254 -4.37 19.54 0.11
CA GLY B 254 -5.06 18.27 0.02
C GLY B 254 -4.61 17.49 -1.20
N ILE B 255 -5.50 17.30 -2.18
CA ILE B 255 -5.15 16.72 -3.48
C ILE B 255 -3.84 17.32 -3.99
N ALA B 256 -2.86 16.45 -4.31
CA ALA B 256 -1.57 16.91 -4.81
C ALA B 256 -1.75 17.86 -5.97
N GLN B 257 -1.09 19.01 -5.90
CA GLN B 257 -1.19 20.00 -6.95
C GLN B 257 -0.41 19.52 -8.17
N SER B 258 -0.95 19.77 -9.34
CA SER B 258 -0.44 19.04 -10.49
C SER B 258 -0.73 19.71 -11.82
N ALA B 259 -0.96 18.85 -12.80
CA ALA B 259 -1.47 19.19 -14.12
C ALA B 259 -2.70 20.08 -14.05
N ALA B 260 -3.83 19.51 -14.41
CA ALA B 260 -5.10 20.20 -14.26
C ALA B 260 -5.33 20.55 -12.79
N THR B 261 -6.23 21.48 -12.56
CA THR B 261 -6.76 21.64 -11.22
C THR B 261 -7.85 20.59 -10.99
N PRO B 262 -8.27 20.41 -9.75
CA PRO B 262 -9.48 19.60 -9.52
C PRO B 262 -10.69 20.11 -10.26
N LEU B 263 -10.83 21.43 -10.44
CA LEU B 263 -11.97 21.93 -11.22
C LEU B 263 -11.86 21.49 -12.68
N ASP B 264 -10.65 21.54 -13.25
CA ASP B 264 -10.47 21.00 -14.59
C ASP B 264 -10.93 19.55 -14.67
N VAL B 265 -10.64 18.74 -13.63
CA VAL B 265 -11.06 17.34 -13.64
C VAL B 265 -12.57 17.23 -13.55
N TRP B 266 -13.18 17.93 -12.60
CA TRP B 266 -14.64 17.80 -12.43
C TRP B 266 -15.41 18.30 -13.63
N ARG B 267 -14.85 19.25 -14.40
CA ARG B 267 -15.57 19.69 -15.60
C ARG B 267 -15.66 18.59 -16.65
N LYS B 268 -14.79 17.58 -16.60
CA LYS B 268 -14.93 16.43 -17.49
C LYS B 268 -16.01 15.47 -17.01
N TRP B 269 -16.47 15.65 -15.78
CA TRP B 269 -17.46 14.78 -15.15
C TRP B 269 -18.81 15.45 -14.92
N ALA B 270 -18.92 16.75 -15.16
CA ALA B 270 -20.10 17.51 -14.73
C ALA B 270 -20.25 18.71 -15.65
N SER B 271 -21.50 19.00 -16.08
CA SER B 271 -21.73 20.07 -17.03
C SER B 271 -21.98 21.44 -16.39
N ASP B 272 -22.17 21.52 -15.08
CA ASP B 272 -22.40 22.81 -14.41
C ASP B 272 -21.68 22.75 -13.06
N VAL B 273 -20.39 23.07 -13.06
CA VAL B 273 -19.60 22.94 -11.84
C VAL B 273 -18.76 24.19 -11.63
N GLN B 274 -18.75 24.67 -10.41
CA GLN B 274 -17.84 25.71 -9.96
C GLN B 274 -16.99 25.13 -8.83
N GLY B 275 -15.89 25.80 -8.54
CA GLY B 275 -15.01 25.24 -7.54
C GLY B 275 -14.05 26.26 -6.99
N ALA B 276 -13.42 25.90 -5.87
CA ALA B 276 -12.44 26.80 -5.27
C ALA B 276 -11.51 26.01 -4.37
N PRO B 277 -10.23 26.35 -4.30
CA PRO B 277 -9.39 25.82 -3.23
C PRO B 277 -9.65 26.52 -1.91
N ILE B 278 -9.43 25.79 -0.84
CA ILE B 278 -9.54 26.28 0.54
C ILE B 278 -8.18 26.09 1.20
N GLU B 279 -7.78 27.07 2.01
CA GLU B 279 -6.51 26.98 2.75
C GLU B 279 -6.69 25.91 3.82
N SER B 280 -6.26 24.69 3.51
CA SER B 280 -6.64 23.53 4.32
C SER B 280 -5.95 22.28 3.78
N GLY B 281 -5.73 21.32 4.66
CA GLY B 281 -5.47 19.96 4.26
C GLY B 281 -6.78 19.30 3.86
N HIS B 282 -6.79 17.97 3.93
CA HIS B 282 -7.92 17.20 3.42
C HIS B 282 -9.22 17.46 4.17
N PHE B 283 -9.16 17.77 5.46
CA PHE B 283 -10.36 17.75 6.32
C PHE B 283 -10.96 19.15 6.41
N LEU B 284 -11.45 19.62 5.26
CA LEU B 284 -11.95 20.99 5.14
C LEU B 284 -12.91 21.41 6.25
N PRO B 285 -13.94 20.63 6.60
CA PRO B 285 -14.92 21.15 7.57
C PRO B 285 -14.38 21.31 8.98
N GLU B 286 -13.26 20.67 9.28
CA GLU B 286 -12.66 20.85 10.59
C GLU B 286 -11.43 21.73 10.55
N GLU B 287 -10.63 21.67 9.49
CA GLU B 287 -9.46 22.53 9.45
C GLU B 287 -9.81 23.95 9.06
N ALA B 288 -10.86 24.13 8.28
CA ALA B 288 -11.20 25.45 7.75
C ALA B 288 -12.71 25.60 7.81
N PRO B 289 -13.29 25.57 9.01
CA PRO B 289 -14.76 25.57 9.11
C PRO B 289 -15.40 26.84 8.61
N ASP B 290 -14.83 28.01 8.90
CA ASP B 290 -15.47 29.25 8.48
C ASP B 290 -15.55 29.36 6.96
N GLN B 291 -14.42 29.15 6.28
CA GLN B 291 -14.37 29.22 4.82
C GLN B 291 -15.26 28.15 4.19
N THR B 292 -15.26 26.93 4.74
CA THR B 292 -16.05 25.86 4.17
C THR B 292 -17.54 26.15 4.31
N ALA B 293 -17.97 26.53 5.51
CA ALA B 293 -19.38 26.87 5.74
C ALA B 293 -19.81 28.01 4.83
N GLU B 294 -19.00 29.07 4.75
CA GLU B 294 -19.36 30.22 3.93
C GLU B 294 -19.57 29.81 2.48
N ALA B 295 -18.66 28.98 1.95
CA ALA B 295 -18.77 28.53 0.56
C ALA B 295 -20.01 27.65 0.35
N LEU B 296 -20.31 26.75 1.30
CA LEU B 296 -21.49 25.91 1.14
C LEU B 296 -22.78 26.72 1.24
N VAL B 297 -22.86 27.65 2.20
CA VAL B 297 -24.06 28.47 2.37
C VAL B 297 -24.33 29.27 1.10
N ARG B 298 -23.29 29.91 0.56
CA ARG B 298 -23.46 30.72 -0.65
C ARG B 298 -23.90 29.85 -1.82
N PHE B 299 -23.31 28.65 -1.95
CA PHE B 299 -23.64 27.77 -3.07
C PHE B 299 -25.07 27.24 -2.94
N PHE B 300 -25.43 26.76 -1.75
CA PHE B 300 -26.72 26.09 -1.60
C PHE B 300 -27.88 27.08 -1.53
N SER B 301 -27.63 28.34 -1.17
CA SER B 301 -28.70 29.35 -1.08
C SER B 301 -29.22 29.73 -2.47
CL CL C . 11.82 -7.98 -4.21
C FAH D . -10.84 9.26 -0.30
F FAH D . -8.50 9.16 0.17
O FAH D . -11.89 9.92 -0.58
CH3 FAH D . -9.48 9.96 -0.33
OXT FAH D . -10.93 8.05 -0.03
C FAH E . -5.50 13.67 -1.34
F FAH E . -4.94 14.90 0.61
O FAH E . -6.35 13.07 -2.04
CH3 FAH E . -6.01 14.41 -0.11
OXT FAH E . -4.26 13.68 -1.62
C GOA F . -11.10 8.93 -0.21
CA GOA F . -9.98 9.97 -0.29
O GOA F . -12.31 9.26 -0.36
OXT GOA F . -10.82 7.72 0.02
O2 GOA F . -10.49 11.17 -0.83
#